data_4QZH
#
_entry.id   4QZH
#
_cell.length_a   56.309
_cell.length_b   75.009
_cell.length_c   125.611
_cell.angle_alpha   90.00
_cell.angle_beta   97.64
_cell.angle_gamma   90.00
#
_symmetry.space_group_name_H-M   'C 1 2 1'
#
loop_
_entity.id
_entity.type
_entity.pdbx_description
1 polymer 'DNA nucleotidylexotransferase'
2 polymer "5'-D(*AP*AP*AP*AP*AP*C)-3'"
3 polymer "5'-D(*TP*TP*TP*TP*TP*GP*T)-3'"
4 non-polymer 'MAGNESIUM ION'
5 non-polymer 'SODIUM ION'
6 non-polymer "2',3'-DIDEOXYCYTIDINE 5'-TRIPHOSPHATE"
7 water water
#
loop_
_entity_poly.entity_id
_entity_poly.type
_entity_poly.pdbx_seq_one_letter_code
_entity_poly.pdbx_strand_id
1 'polypeptide(L)'
;MGSSHHHHHHSSGLVPRGSHMSPSPVPGSQNVPAPAVKKISQYACQRRTTLNNYNQLFTDALDILAENDELRENEGSCLA
FMRASSVLKSLPFPITSMKDTEGIPCLGDKVKSIIEGIIEDGESSEAKAVLNDERYKSFKLFTSVFGVGLKTAEKWFRMG
FRTLSKIQSDKSLRFTQMQKAGFLYYEDLVSCVNRPEAEAVSMLVKEAVVTFLPDALVTMTGGFRRGKMTGHDVDFLITS
PEATEDEEQQLLHKVTDFWKQQGLLLYCDILESTFEKFKQPSRKVDALDHAQKCFLILKLDHGRVHSEKSGQQEGKGWKA
IRVDLVMCPYDRRAFALLGWTGSRQFERDLRRYATHERKMMLDNHALYDRTKRVFLEAESEEEIFAHLGLDYIEPWERNA
;
A
2 'polydeoxyribonucleotide' (DA)(DA)(DA)(DA)(DA)(DC) D,U
3 'polydeoxyribonucleotide' (DT)(DT)(DT)(DT)(DT)(DG)(DT) T
#
loop_
_chem_comp.id
_chem_comp.type
_chem_comp.name
_chem_comp.formula
DA DNA linking 2'-DEOXYADENOSINE-5'-MONOPHOSPHATE 'C10 H14 N5 O6 P'
DC DNA linking 2'-DEOXYCYTIDINE-5'-MONOPHOSPHATE 'C9 H14 N3 O7 P'
DCT DNA linking '2',3'-DIDEOXYCYTIDINE 5'-TRIPHOSPHATE' 'C9 H16 N3 O12 P3'
DG DNA linking 2'-DEOXYGUANOSINE-5'-MONOPHOSPHATE 'C10 H14 N5 O7 P'
DT DNA linking THYMIDINE-5'-MONOPHOSPHATE 'C10 H15 N2 O8 P'
MG non-polymer 'MAGNESIUM ION' 'Mg 2'
NA non-polymer 'SODIUM ION' 'Na 1'
#
# COMPACT_ATOMS: atom_id res chain seq x y z
N LYS A 39 9.17 23.34 -13.83
CA LYS A 39 9.09 23.38 -12.37
C LYS A 39 8.41 22.13 -11.80
N ILE A 40 9.17 21.32 -11.05
CA ILE A 40 8.67 20.10 -10.41
C ILE A 40 7.70 20.49 -9.28
N SER A 41 6.52 19.84 -9.26
CA SER A 41 5.52 20.11 -8.23
C SER A 41 5.83 19.40 -6.94
N GLN A 42 5.42 19.96 -5.81
CA GLN A 42 5.56 19.33 -4.48
C GLN A 42 4.54 18.18 -4.31
N TYR A 43 3.54 18.12 -5.22
CA TYR A 43 2.48 17.11 -5.20
C TYR A 43 2.76 15.95 -6.11
N ALA A 44 2.68 14.73 -5.59
CA ALA A 44 2.88 13.50 -6.36
C ALA A 44 1.88 13.35 -7.49
N CYS A 45 0.64 13.85 -7.31
CA CYS A 45 -0.43 13.83 -8.31
C CYS A 45 -0.13 14.76 -9.53
N GLN A 46 0.94 15.58 -9.45
CA GLN A 46 1.39 16.47 -10.52
C GLN A 46 2.77 16.02 -11.02
N ARG A 47 3.15 14.78 -10.71
CA ARG A 47 4.42 14.18 -11.15
C ARG A 47 4.13 12.80 -11.74
N ARG A 48 4.96 12.34 -12.66
CA ARG A 48 4.86 11.01 -13.24
C ARG A 48 5.99 10.19 -12.62
N THR A 49 5.65 9.17 -11.83
CA THR A 49 6.62 8.35 -11.14
C THR A 49 6.46 6.88 -11.62
N THR A 50 7.41 6.43 -12.41
CA THR A 50 7.43 5.04 -12.85
C THR A 50 8.38 4.25 -11.87
N LEU A 51 8.49 2.95 -12.08
CA LEU A 51 9.33 2.05 -11.27
C LEU A 51 10.84 2.18 -11.59
N ASN A 52 11.21 2.89 -12.67
CA ASN A 52 12.55 3.20 -13.10
C ASN A 52 13.15 4.26 -12.23
N ASN A 53 13.65 3.86 -11.05
CA ASN A 53 14.26 4.77 -10.09
C ASN A 53 15.76 4.92 -10.33
N TYR A 54 16.20 6.14 -10.69
CA TYR A 54 17.61 6.48 -10.93
C TYR A 54 18.33 6.93 -9.65
N ASN A 55 17.59 7.04 -8.55
CA ASN A 55 18.14 7.58 -7.31
C ASN A 55 17.94 6.66 -6.09
N GLN A 56 17.93 5.32 -6.30
CA GLN A 56 17.70 4.37 -5.20
C GLN A 56 18.73 4.52 -4.05
N LEU A 57 19.95 4.99 -4.32
CA LEU A 57 20.97 5.23 -3.28
C LEU A 57 20.46 6.26 -2.27
N PHE A 58 19.82 7.31 -2.77
CA PHE A 58 19.29 8.38 -1.95
C PHE A 58 17.97 7.99 -1.30
N THR A 59 17.01 7.42 -2.10
CA THR A 59 15.68 7.07 -1.62
C THR A 59 15.71 5.90 -0.63
N ASP A 60 16.63 4.92 -0.75
CA ASP A 60 16.72 3.84 0.24
C ASP A 60 17.11 4.39 1.62
N ALA A 61 18.03 5.36 1.65
CA ALA A 61 18.46 6.04 2.88
C ALA A 61 17.32 6.88 3.45
N LEU A 62 16.60 7.65 2.59
CA LEU A 62 15.48 8.50 3.02
C LEU A 62 14.33 7.66 3.56
N ASP A 63 14.06 6.48 2.92
CA ASP A 63 13.01 5.54 3.34
C ASP A 63 13.31 4.97 4.74
N ILE A 64 14.60 4.73 5.06
CA ILE A 64 15.05 4.23 6.36
C ILE A 64 14.83 5.32 7.45
N LEU A 65 15.23 6.56 7.14
CA LEU A 65 15.10 7.70 8.05
C LEU A 65 13.61 8.00 8.33
N ALA A 66 12.76 7.88 7.30
CA ALA A 66 11.30 8.05 7.44
C ALA A 66 10.74 6.98 8.37
N GLU A 67 11.12 5.73 8.15
CA GLU A 67 10.65 4.58 8.92
C GLU A 67 11.01 4.71 10.40
N ASN A 68 12.21 5.21 10.68
CA ASN A 68 12.67 5.46 12.05
C ASN A 68 11.81 6.55 12.72
N ASP A 69 11.51 7.63 11.99
CA ASP A 69 10.67 8.72 12.52
C ASP A 69 9.23 8.27 12.79
N GLU A 70 8.75 7.25 12.03
CA GLU A 70 7.41 6.68 12.22
C GLU A 70 7.39 5.95 13.53
N LEU A 71 8.44 5.17 13.79
CA LEU A 71 8.64 4.40 15.01
C LEU A 71 8.80 5.34 16.23
N ARG A 72 9.53 6.47 16.06
CA ARG A 72 9.78 7.42 17.15
C ARG A 72 8.58 8.38 17.34
N GLU A 73 7.46 8.13 16.62
CA GLU A 73 6.21 8.89 16.62
C GLU A 73 6.42 10.38 16.23
N ASN A 74 7.48 10.59 15.44
CA ASN A 74 7.71 11.85 14.77
C ASN A 74 7.03 11.74 13.41
N GLU A 75 5.79 12.18 13.39
CA GLU A 75 4.93 12.15 12.20
C GLU A 75 5.35 13.15 11.13
N GLY A 76 5.69 14.37 11.56
CA GLY A 76 6.10 15.43 10.66
C GLY A 76 7.38 15.16 9.93
N SER A 77 8.44 14.76 10.66
CA SER A 77 9.76 14.44 10.11
C SER A 77 9.65 13.21 9.22
N CYS A 78 8.79 12.25 9.59
CA CYS A 78 8.50 11.06 8.81
C CYS A 78 7.93 11.44 7.43
N LEU A 79 6.86 12.23 7.42
CA LEU A 79 6.23 12.66 6.20
C LEU A 79 7.21 13.48 5.32
N ALA A 80 8.08 14.35 5.91
CA ALA A 80 9.06 15.13 5.14
C ALA A 80 10.06 14.21 4.46
N PHE A 81 10.53 13.14 5.11
CA PHE A 81 11.44 12.21 4.46
C PHE A 81 10.69 11.36 3.38
N MET A 82 9.44 11.03 3.59
CA MET A 82 8.65 10.37 2.56
C MET A 82 8.38 11.17 1.28
N ARG A 83 8.15 12.46 1.44
CA ARG A 83 7.94 13.40 0.34
C ARG A 83 9.22 13.63 -0.42
N ALA A 84 10.37 13.67 0.26
CA ALA A 84 11.69 13.89 -0.36
C ALA A 84 12.06 12.65 -1.17
N SER A 85 11.81 11.48 -0.60
CA SER A 85 12.06 10.21 -1.26
C SER A 85 11.16 10.09 -2.52
N SER A 86 9.88 10.44 -2.41
CA SER A 86 8.91 10.43 -3.50
C SER A 86 9.36 11.33 -4.67
N VAL A 87 9.75 12.62 -4.38
CA VAL A 87 10.21 13.54 -5.44
C VAL A 87 11.42 12.95 -6.19
N LEU A 88 12.42 12.39 -5.48
CA LEU A 88 13.61 11.83 -6.12
C LEU A 88 13.25 10.63 -7.01
N LYS A 89 12.29 9.80 -6.60
CA LYS A 89 11.80 8.67 -7.40
C LYS A 89 11.25 9.15 -8.79
N SER A 90 10.74 10.41 -8.88
CA SER A 90 10.18 10.98 -10.13
C SER A 90 11.26 11.48 -11.12
N LEU A 91 12.51 11.69 -10.66
CA LEU A 91 13.58 12.24 -11.49
C LEU A 91 13.97 11.35 -12.64
N PRO A 92 14.22 11.95 -13.83
CA PRO A 92 14.60 11.12 -15.00
C PRO A 92 16.10 10.87 -15.12
N PHE A 93 16.87 11.27 -14.10
CA PHE A 93 18.32 11.18 -14.08
C PHE A 93 18.83 10.98 -12.64
N PRO A 94 20.05 10.40 -12.43
CA PRO A 94 20.59 10.26 -11.06
C PRO A 94 21.27 11.55 -10.54
N ILE A 95 21.11 11.87 -9.24
CA ILE A 95 21.79 13.04 -8.65
C ILE A 95 23.27 12.67 -8.56
N THR A 96 24.17 13.50 -9.10
CA THR A 96 25.61 13.19 -9.03
C THR A 96 26.37 14.37 -8.39
N SER A 97 25.68 15.50 -8.10
CA SER A 97 26.26 16.69 -7.47
C SER A 97 25.15 17.47 -6.81
N MET A 98 25.50 18.36 -5.86
CA MET A 98 24.52 19.17 -5.15
C MET A 98 23.80 20.13 -6.08
N LYS A 99 24.42 20.57 -7.18
CA LYS A 99 23.80 21.45 -8.20
C LYS A 99 22.55 20.80 -8.81
N ASP A 100 22.58 19.48 -8.85
CA ASP A 100 21.50 18.66 -9.35
C ASP A 100 20.22 18.78 -8.53
N THR A 101 20.33 19.20 -7.29
CA THR A 101 19.16 19.28 -6.39
C THR A 101 18.47 20.65 -6.42
N GLU A 102 19.07 21.63 -7.12
CA GLU A 102 18.51 22.98 -7.24
C GLU A 102 17.16 22.94 -7.93
N GLY A 103 16.17 23.60 -7.32
CA GLY A 103 14.82 23.68 -7.85
C GLY A 103 13.94 22.49 -7.54
N ILE A 104 14.49 21.44 -6.89
CA ILE A 104 13.65 20.28 -6.54
C ILE A 104 12.90 20.57 -5.23
N PRO A 105 11.56 20.49 -5.18
CA PRO A 105 10.86 20.80 -3.90
C PRO A 105 10.95 19.64 -2.93
N CYS A 106 10.52 19.86 -1.66
CA CYS A 106 10.51 18.85 -0.61
C CYS A 106 11.92 18.49 -0.09
N LEU A 107 12.98 19.19 -0.57
CA LEU A 107 14.38 19.01 -0.16
C LEU A 107 14.85 20.23 0.62
N GLY A 108 14.64 20.21 1.92
CA GLY A 108 15.12 21.31 2.75
C GLY A 108 16.55 21.07 3.15
N ASP A 109 17.04 21.85 4.10
CA ASP A 109 18.42 21.78 4.57
C ASP A 109 18.81 20.42 5.12
N LYS A 110 17.97 19.79 5.95
CA LYS A 110 18.26 18.48 6.55
C LYS A 110 18.40 17.42 5.46
N VAL A 111 17.48 17.39 4.51
CA VAL A 111 17.50 16.41 3.44
C VAL A 111 18.75 16.62 2.54
N LYS A 112 19.09 17.89 2.22
CA LYS A 112 20.25 18.20 1.38
C LYS A 112 21.55 17.78 2.06
N SER A 113 21.62 17.81 3.42
CA SER A 113 22.79 17.31 4.17
C SER A 113 22.91 15.80 3.96
N ILE A 114 21.79 15.06 3.96
CA ILE A 114 21.81 13.60 3.75
C ILE A 114 22.26 13.27 2.32
N ILE A 115 21.77 14.01 1.32
CA ILE A 115 22.13 13.83 -0.09
C ILE A 115 23.64 14.11 -0.27
N GLU A 116 24.15 15.20 0.36
CA GLU A 116 25.56 15.60 0.31
C GLU A 116 26.47 14.47 0.84
N GLY A 117 26.07 13.85 1.96
CA GLY A 117 26.79 12.74 2.57
C GLY A 117 26.87 11.51 1.69
N ILE A 118 25.76 11.21 0.95
CA ILE A 118 25.70 10.05 0.04
C ILE A 118 26.57 10.32 -1.20
N ILE A 119 26.60 11.58 -1.70
CA ILE A 119 27.44 11.99 -2.84
C ILE A 119 28.92 11.81 -2.42
N GLU A 120 29.26 12.16 -1.16
CA GLU A 120 30.61 12.08 -0.60
C GLU A 120 31.28 10.68 -0.72
N ASP A 121 30.61 9.61 -0.22
CA ASP A 121 31.21 8.28 -0.23
C ASP A 121 30.23 7.12 -0.57
N GLY A 122 29.09 7.42 -1.18
CA GLY A 122 28.11 6.41 -1.58
C GLY A 122 27.25 5.82 -0.47
N GLU A 123 27.40 6.33 0.76
CA GLU A 123 26.69 5.85 1.95
C GLU A 123 26.14 6.97 2.78
N SER A 124 25.07 6.67 3.52
CA SER A 124 24.45 7.61 4.44
C SER A 124 24.81 7.18 5.86
N SER A 125 25.59 8.01 6.59
CA SER A 125 25.97 7.75 7.97
C SER A 125 24.72 7.74 8.87
N GLU A 126 23.73 8.60 8.56
CA GLU A 126 22.45 8.75 9.28
C GLU A 126 21.61 7.49 9.15
N ALA A 127 21.46 6.97 7.91
CA ALA A 127 20.71 5.73 7.66
C ALA A 127 21.45 4.52 8.25
N LYS A 128 22.81 4.52 8.22
CA LYS A 128 23.67 3.46 8.79
C LYS A 128 23.45 3.35 10.32
N ALA A 129 23.35 4.50 11.00
CA ALA A 129 23.10 4.56 12.44
C ALA A 129 21.70 3.99 12.78
N VAL A 130 20.70 4.24 11.93
CA VAL A 130 19.34 3.75 12.13
C VAL A 130 19.34 2.22 11.95
N LEU A 131 20.05 1.70 10.93
CA LEU A 131 20.14 0.27 10.63
C LEU A 131 20.80 -0.53 11.76
N ASN A 132 21.65 0.14 12.56
CA ASN A 132 22.36 -0.47 13.69
C ASN A 132 21.67 -0.21 15.02
N ASP A 133 20.60 0.62 15.04
CA ASP A 133 19.84 0.93 16.25
C ASP A 133 18.99 -0.28 16.69
N GLU A 134 19.05 -0.65 17.98
CA GLU A 134 18.33 -1.81 18.52
C GLU A 134 16.82 -1.66 18.44
N ARG A 135 16.29 -0.45 18.69
CA ARG A 135 14.86 -0.16 18.64
C ARG A 135 14.37 -0.31 17.21
N TYR A 136 15.10 0.25 16.24
CA TYR A 136 14.73 0.17 14.84
C TYR A 136 14.76 -1.29 14.34
N LYS A 137 15.82 -2.05 14.66
CA LYS A 137 15.96 -3.46 14.24
C LYS A 137 14.79 -4.32 14.76
N SER A 138 14.43 -4.13 16.05
CA SER A 138 13.31 -4.80 16.72
C SER A 138 11.99 -4.46 16.07
N PHE A 139 11.74 -3.18 15.77
CA PHE A 139 10.50 -2.73 15.13
C PHE A 139 10.34 -3.33 13.76
N LYS A 140 11.41 -3.37 12.94
CA LYS A 140 11.35 -3.97 11.60
C LYS A 140 11.03 -5.45 11.67
N LEU A 141 11.73 -6.16 12.57
CA LEU A 141 11.55 -7.59 12.76
C LEU A 141 10.13 -7.93 13.29
N PHE A 142 9.68 -7.26 14.33
CA PHE A 142 8.37 -7.51 14.89
C PHE A 142 7.21 -7.18 13.97
N THR A 143 7.25 -6.02 13.35
CA THR A 143 6.16 -5.61 12.44
C THR A 143 6.15 -6.39 11.13
N SER A 144 7.19 -7.23 10.86
CA SER A 144 7.25 -8.10 9.68
C SER A 144 6.21 -9.24 9.82
N VAL A 145 5.65 -9.41 11.04
CA VAL A 145 4.61 -10.41 11.32
C VAL A 145 3.23 -9.78 10.99
N PHE A 146 2.38 -10.50 10.30
CA PHE A 146 1.06 -10.02 10.02
C PHE A 146 0.37 -9.94 11.36
N GLY A 147 -0.30 -8.84 11.62
CA GLY A 147 -1.03 -8.64 12.87
C GLY A 147 -0.27 -7.85 13.91
N VAL A 148 1.01 -7.52 13.64
CA VAL A 148 1.86 -6.77 14.56
C VAL A 148 2.15 -5.41 13.98
N GLY A 149 1.71 -4.37 14.67
CA GLY A 149 1.92 -3.00 14.24
C GLY A 149 2.83 -2.29 15.22
N LEU A 150 2.91 -0.95 15.10
CA LEU A 150 3.80 -0.12 15.91
C LEU A 150 3.56 -0.27 17.41
N LYS A 151 2.29 -0.33 17.88
CA LYS A 151 1.99 -0.43 19.32
C LYS A 151 2.44 -1.77 19.94
N THR A 152 2.16 -2.92 19.28
CA THR A 152 2.56 -4.25 19.78
C THR A 152 4.10 -4.40 19.73
N ALA A 153 4.75 -3.92 18.65
CA ALA A 153 6.20 -3.97 18.50
C ALA A 153 6.89 -3.16 19.62
N GLU A 154 6.34 -1.99 19.96
CA GLU A 154 6.84 -1.12 21.03
C GLU A 154 6.69 -1.80 22.40
N LYS A 155 5.53 -2.44 22.62
CA LYS A 155 5.22 -3.18 23.83
C LYS A 155 6.25 -4.31 24.04
N TRP A 156 6.50 -5.13 22.99
CA TRP A 156 7.43 -6.25 23.10
C TRP A 156 8.86 -5.80 23.34
N PHE A 157 9.27 -4.71 22.69
CA PHE A 157 10.60 -4.13 22.89
C PHE A 157 10.80 -3.66 24.35
N ARG A 158 9.81 -2.95 24.91
CA ARG A 158 9.88 -2.45 26.29
C ARG A 158 9.81 -3.56 27.32
N MET A 159 9.30 -4.73 26.93
CA MET A 159 9.27 -5.94 27.76
C MET A 159 10.63 -6.63 27.74
N GLY A 160 11.52 -6.24 26.81
CA GLY A 160 12.85 -6.80 26.69
C GLY A 160 13.03 -7.87 25.62
N PHE A 161 12.01 -8.12 24.79
CA PHE A 161 12.11 -9.08 23.69
C PHE A 161 12.95 -8.54 22.54
N ARG A 162 13.74 -9.41 21.89
CA ARG A 162 14.58 -9.02 20.75
C ARG A 162 14.46 -9.98 19.57
N THR A 163 13.93 -11.20 19.80
CA THR A 163 13.82 -12.18 18.72
C THR A 163 12.40 -12.72 18.63
N LEU A 164 12.01 -13.20 17.43
CA LEU A 164 10.69 -13.77 17.20
C LEU A 164 10.57 -15.13 17.92
N SER A 165 11.68 -15.88 18.05
CA SER A 165 11.70 -17.17 18.75
C SER A 165 11.32 -17.01 20.22
N LYS A 166 11.86 -15.97 20.89
CA LYS A 166 11.60 -15.67 22.30
C LYS A 166 10.16 -15.19 22.49
N ILE A 167 9.59 -14.47 21.51
CA ILE A 167 8.19 -14.00 21.57
C ILE A 167 7.23 -15.21 21.47
N GLN A 168 7.39 -16.04 20.42
CA GLN A 168 6.55 -17.18 20.12
C GLN A 168 6.53 -18.24 21.22
N SER A 169 7.67 -18.44 21.92
CA SER A 169 7.78 -19.46 22.94
C SER A 169 7.42 -18.95 24.35
N ASP A 170 7.16 -17.63 24.50
CA ASP A 170 6.79 -17.05 25.81
C ASP A 170 5.42 -17.57 26.28
N LYS A 171 5.34 -17.94 27.58
CA LYS A 171 4.14 -18.52 28.20
C LYS A 171 3.16 -17.46 28.78
N SER A 172 3.59 -16.19 28.90
CA SER A 172 2.75 -15.12 29.44
C SER A 172 2.06 -14.31 28.34
N LEU A 173 2.69 -14.19 27.16
CA LEU A 173 2.13 -13.42 26.04
C LEU A 173 0.85 -14.03 25.47
N ARG A 174 -0.11 -13.16 25.11
CA ARG A 174 -1.38 -13.57 24.49
C ARG A 174 -1.46 -12.93 23.13
N PHE A 175 -1.66 -13.74 22.09
CA PHE A 175 -1.68 -13.27 20.70
C PHE A 175 -3.07 -13.17 20.11
N THR A 176 -3.30 -12.15 19.28
CA THR A 176 -4.56 -11.93 18.57
C THR A 176 -4.67 -13.02 17.49
N GLN A 177 -5.88 -13.26 16.96
CA GLN A 177 -6.11 -14.24 15.88
C GLN A 177 -5.27 -13.91 14.65
N MET A 178 -5.14 -12.59 14.35
CA MET A 178 -4.35 -12.03 13.25
C MET A 178 -2.86 -12.41 13.41
N GLN A 179 -2.29 -12.24 14.63
CA GLN A 179 -0.89 -12.56 14.95
C GLN A 179 -0.61 -14.06 14.88
N LYS A 180 -1.57 -14.91 15.33
CA LYS A 180 -1.46 -16.37 15.27
C LYS A 180 -1.28 -16.79 13.80
N ALA A 181 -2.12 -16.24 12.90
CA ALA A 181 -2.03 -16.46 11.44
C ALA A 181 -0.70 -15.89 10.91
N GLY A 182 -0.31 -14.71 11.39
CA GLY A 182 0.96 -14.07 11.03
C GLY A 182 2.18 -14.92 11.33
N PHE A 183 2.19 -15.61 12.51
CA PHE A 183 3.30 -16.50 12.89
C PHE A 183 3.22 -17.86 12.16
N LEU A 184 2.00 -18.40 12.00
CA LEU A 184 1.78 -19.70 11.35
C LEU A 184 2.20 -19.69 9.86
N TYR A 185 1.89 -18.60 9.14
CA TYR A 185 2.18 -18.46 7.71
C TYR A 185 3.29 -17.43 7.42
N TYR A 186 4.14 -17.16 8.42
CA TYR A 186 5.22 -16.17 8.36
C TYR A 186 6.12 -16.27 7.11
N GLU A 187 6.72 -17.46 6.84
CA GLU A 187 7.65 -17.62 5.70
C GLU A 187 7.00 -17.30 4.35
N ASP A 188 5.73 -17.73 4.15
CA ASP A 188 4.98 -17.46 2.92
C ASP A 188 4.66 -15.99 2.77
N LEU A 189 4.18 -15.36 3.85
CA LEU A 189 3.80 -13.95 3.83
C LEU A 189 5.01 -13.01 3.70
N VAL A 190 6.17 -13.40 4.27
CA VAL A 190 7.36 -12.55 4.20
C VAL A 190 8.04 -12.68 2.81
N SER A 191 7.77 -13.77 2.05
CA SER A 191 8.36 -13.98 0.73
C SER A 191 7.73 -13.07 -0.32
N CYS A 192 6.55 -12.50 -0.03
CA CYS A 192 5.82 -11.60 -0.95
C CYS A 192 5.24 -12.41 -2.12
N VAL A 193 4.53 -11.74 -3.04
CA VAL A 193 3.72 -12.29 -4.13
C VAL A 193 4.22 -11.83 -5.48
N ASN A 194 4.35 -12.74 -6.46
CA ASN A 194 4.79 -12.36 -7.80
C ASN A 194 3.58 -12.28 -8.77
N ARG A 195 3.81 -11.90 -10.05
CA ARG A 195 2.74 -11.72 -11.04
C ARG A 195 2.00 -13.05 -11.36
N PRO A 196 2.70 -14.22 -11.62
CA PRO A 196 1.94 -15.47 -11.86
C PRO A 196 1.01 -15.81 -10.67
N GLU A 197 1.46 -15.55 -9.41
CA GLU A 197 0.65 -15.78 -8.22
C GLU A 197 -0.54 -14.83 -8.20
N ALA A 198 -0.31 -13.53 -8.47
CA ALA A 198 -1.38 -12.53 -8.49
C ALA A 198 -2.44 -12.86 -9.54
N GLU A 199 -2.03 -13.30 -10.71
CA GLU A 199 -2.96 -13.73 -11.74
C GLU A 199 -3.77 -14.98 -11.39
N ALA A 200 -3.13 -15.93 -10.74
CA ALA A 200 -3.80 -17.14 -10.25
C ALA A 200 -4.87 -16.76 -9.23
N VAL A 201 -4.56 -15.76 -8.35
CA VAL A 201 -5.49 -15.25 -7.34
C VAL A 201 -6.64 -14.54 -8.05
N SER A 202 -6.35 -13.72 -9.09
CA SER A 202 -7.38 -12.98 -9.86
C SER A 202 -8.45 -13.93 -10.42
N MET A 203 -8.00 -15.09 -10.93
CA MET A 203 -8.87 -16.14 -11.46
C MET A 203 -9.79 -16.66 -10.36
N LEU A 204 -9.23 -16.98 -9.16
CA LEU A 204 -9.97 -17.46 -8.00
C LEU A 204 -11.03 -16.45 -7.59
N VAL A 205 -10.66 -15.15 -7.48
CA VAL A 205 -11.56 -14.06 -7.09
C VAL A 205 -12.71 -13.94 -8.09
N LYS A 206 -12.40 -13.83 -9.39
CA LYS A 206 -13.39 -13.70 -10.46
C LYS A 206 -14.35 -14.92 -10.49
N GLU A 207 -13.81 -16.16 -10.42
CA GLU A 207 -14.61 -17.40 -10.40
C GLU A 207 -15.59 -17.41 -9.23
N ALA A 208 -15.16 -16.98 -8.02
CA ALA A 208 -15.99 -16.93 -6.81
C ALA A 208 -17.05 -15.84 -6.91
N VAL A 209 -16.66 -14.64 -7.32
CA VAL A 209 -17.54 -13.47 -7.43
C VAL A 209 -18.70 -13.69 -8.46
N VAL A 210 -18.40 -14.12 -9.70
CA VAL A 210 -19.43 -14.30 -10.76
C VAL A 210 -20.43 -15.44 -10.39
N THR A 211 -20.05 -16.34 -9.45
CA THR A 211 -20.91 -17.41 -8.93
C THR A 211 -22.14 -16.79 -8.24
N PHE A 212 -21.94 -15.66 -7.54
CA PHE A 212 -23.01 -14.97 -6.81
C PHE A 212 -23.55 -13.73 -7.54
N LEU A 213 -22.67 -12.98 -8.25
CA LEU A 213 -23.03 -11.79 -9.04
C LEU A 213 -22.46 -11.94 -10.47
N PRO A 214 -23.20 -12.54 -11.43
CA PRO A 214 -22.61 -12.79 -12.77
C PRO A 214 -22.24 -11.56 -13.59
N ASP A 215 -22.83 -10.39 -13.31
CA ASP A 215 -22.52 -9.17 -14.07
C ASP A 215 -21.41 -8.34 -13.38
N ALA A 216 -20.83 -8.86 -12.28
CA ALA A 216 -19.82 -8.14 -11.51
C ALA A 216 -18.53 -7.94 -12.27
N LEU A 217 -17.93 -6.76 -12.05
CA LEU A 217 -16.65 -6.34 -12.61
C LEU A 217 -15.63 -6.44 -11.50
N VAL A 218 -14.58 -7.25 -11.72
CA VAL A 218 -13.50 -7.45 -10.76
C VAL A 218 -12.21 -6.88 -11.35
N THR A 219 -11.61 -5.91 -10.66
CA THR A 219 -10.38 -5.26 -11.11
C THR A 219 -9.29 -5.43 -10.07
N MET A 220 -8.11 -5.91 -10.50
CA MET A 220 -6.94 -5.96 -9.65
C MET A 220 -6.45 -4.51 -9.47
N THR A 221 -6.28 -4.07 -8.24
CA THR A 221 -5.84 -2.71 -7.94
C THR A 221 -4.44 -2.80 -7.31
N GLY A 222 -4.10 -1.81 -6.46
CA GLY A 222 -2.83 -1.78 -5.76
C GLY A 222 -1.62 -1.80 -6.67
N GLY A 223 -0.49 -2.28 -6.14
CA GLY A 223 0.80 -2.31 -6.80
C GLY A 223 0.83 -2.95 -8.17
N PHE A 224 0.14 -4.09 -8.30
CA PHE A 224 0.09 -4.85 -9.54
C PHE A 224 -0.56 -4.05 -10.67
N ARG A 225 -1.59 -3.22 -10.35
CA ARG A 225 -2.22 -2.36 -11.36
C ARG A 225 -1.23 -1.24 -11.79
N ARG A 226 -0.31 -0.84 -10.88
CA ARG A 226 0.70 0.19 -11.15
C ARG A 226 1.95 -0.38 -11.87
N GLY A 227 1.91 -1.67 -12.21
CA GLY A 227 2.98 -2.33 -12.96
C GLY A 227 4.05 -3.04 -12.15
N LYS A 228 3.85 -3.20 -10.85
CA LYS A 228 4.82 -3.85 -9.98
C LYS A 228 4.98 -5.32 -10.27
N MET A 229 6.21 -5.82 -10.12
CA MET A 229 6.50 -7.23 -10.32
C MET A 229 6.15 -8.04 -9.08
N THR A 230 6.18 -7.41 -7.91
CA THR A 230 5.87 -8.07 -6.64
C THR A 230 5.02 -7.18 -5.74
N GLY A 231 4.44 -7.81 -4.73
CA GLY A 231 3.65 -7.11 -3.73
C GLY A 231 3.55 -7.91 -2.44
N HIS A 232 3.17 -7.23 -1.32
CA HIS A 232 2.99 -7.88 -0.02
CA HIS A 232 2.96 -7.83 0.00
C HIS A 232 1.62 -8.56 0.02
N ASP A 233 0.71 -8.17 -0.94
CA ASP A 233 -0.64 -8.65 -1.08
C ASP A 233 -1.20 -8.46 -2.51
N VAL A 234 -2.41 -8.99 -2.78
CA VAL A 234 -3.13 -8.82 -4.05
C VAL A 234 -4.47 -8.18 -3.69
N ASP A 235 -4.77 -7.00 -4.26
CA ASP A 235 -5.96 -6.24 -3.94
C ASP A 235 -6.93 -6.22 -5.12
N PHE A 236 -8.25 -6.22 -4.82
CA PHE A 236 -9.28 -6.23 -5.85
C PHE A 236 -10.43 -5.32 -5.52
N LEU A 237 -10.98 -4.69 -6.55
CA LEU A 237 -12.18 -3.88 -6.46
C LEU A 237 -13.26 -4.62 -7.18
N ILE A 238 -14.39 -4.84 -6.51
CA ILE A 238 -15.54 -5.54 -7.05
C ILE A 238 -16.71 -4.56 -7.10
N THR A 239 -17.42 -4.51 -8.22
CA THR A 239 -18.62 -3.70 -8.38
C THR A 239 -19.62 -4.42 -9.31
N SER A 240 -20.94 -4.15 -9.16
CA SER A 240 -21.95 -4.75 -10.02
C SER A 240 -22.98 -3.72 -10.49
N PRO A 241 -23.20 -3.56 -11.81
CA PRO A 241 -24.16 -2.55 -12.28
C PRO A 241 -25.63 -2.83 -11.93
N GLU A 242 -26.05 -4.10 -11.73
CA GLU A 242 -27.45 -4.42 -11.47
C GLU A 242 -27.76 -4.92 -10.04
N ALA A 243 -26.73 -5.25 -9.22
CA ALA A 243 -26.94 -5.75 -7.83
C ALA A 243 -27.68 -4.75 -6.96
N THR A 244 -28.50 -5.27 -6.03
CA THR A 244 -29.26 -4.46 -5.08
C THR A 244 -28.36 -4.06 -3.92
N GLU A 245 -28.87 -3.21 -3.00
CA GLU A 245 -28.13 -2.77 -1.80
C GLU A 245 -27.78 -3.99 -0.92
N ASP A 246 -28.74 -4.94 -0.78
CA ASP A 246 -28.58 -6.16 0.01
C ASP A 246 -27.61 -7.13 -0.69
N GLU A 247 -27.74 -7.32 -2.02
CA GLU A 247 -26.86 -8.20 -2.79
C GLU A 247 -25.40 -7.74 -2.67
N GLU A 248 -25.18 -6.40 -2.76
CA GLU A 248 -23.88 -5.74 -2.63
C GLU A 248 -23.27 -5.99 -1.25
N GLN A 249 -24.12 -6.01 -0.21
CA GLN A 249 -23.68 -6.21 1.16
C GLN A 249 -23.30 -7.68 1.44
N GLN A 250 -24.03 -8.62 0.85
CA GLN A 250 -23.82 -10.04 1.11
C GLN A 250 -22.69 -10.70 0.31
N LEU A 251 -22.25 -10.10 -0.83
CA LEU A 251 -21.25 -10.72 -1.71
C LEU A 251 -19.96 -11.17 -1.00
N LEU A 252 -19.33 -10.29 -0.20
CA LEU A 252 -18.06 -10.65 0.46
C LEU A 252 -18.24 -11.82 1.46
N HIS A 253 -19.41 -11.89 2.14
CA HIS A 253 -19.75 -12.98 3.05
C HIS A 253 -19.94 -14.28 2.27
N LYS A 254 -20.65 -14.23 1.11
CA LYS A 254 -20.89 -15.39 0.25
C LYS A 254 -19.58 -15.95 -0.33
N VAL A 255 -18.70 -15.06 -0.85
CA VAL A 255 -17.43 -15.41 -1.48
C VAL A 255 -16.48 -16.05 -0.44
N THR A 256 -16.40 -15.50 0.77
CA THR A 256 -15.51 -16.02 1.81
C THR A 256 -16.06 -17.35 2.40
N ASP A 257 -17.38 -17.48 2.53
CA ASP A 257 -17.96 -18.75 2.96
C ASP A 257 -17.67 -19.87 1.96
N PHE A 258 -17.78 -19.55 0.68
CA PHE A 258 -17.49 -20.45 -0.43
C PHE A 258 -16.04 -20.97 -0.33
N TRP A 259 -15.09 -20.06 -0.07
CA TRP A 259 -13.67 -20.40 0.09
C TRP A 259 -13.42 -21.21 1.36
N LYS A 260 -14.16 -20.89 2.45
CA LYS A 260 -14.08 -21.61 3.72
C LYS A 260 -14.51 -23.06 3.50
N GLN A 261 -15.58 -23.28 2.69
CA GLN A 261 -16.12 -24.60 2.34
C GLN A 261 -15.08 -25.44 1.55
N GLN A 262 -14.29 -24.78 0.67
CA GLN A 262 -13.24 -25.39 -0.16
C GLN A 262 -11.96 -25.69 0.64
N GLY A 263 -11.84 -25.04 1.80
CA GLY A 263 -10.67 -25.13 2.68
C GLY A 263 -9.55 -24.21 2.22
N LEU A 264 -9.91 -23.08 1.59
CA LEU A 264 -8.95 -22.12 1.05
C LEU A 264 -8.79 -20.87 1.92
N LEU A 265 -9.74 -20.63 2.84
CA LEU A 265 -9.73 -19.47 3.72
C LEU A 265 -8.89 -19.75 4.96
N LEU A 266 -7.67 -19.19 4.98
CA LEU A 266 -6.74 -19.36 6.09
C LEU A 266 -6.93 -18.29 7.16
N TYR A 267 -7.40 -17.10 6.76
CA TYR A 267 -7.71 -15.98 7.63
C TYR A 267 -8.75 -15.11 6.97
N CYS A 268 -9.68 -14.52 7.75
CA CYS A 268 -10.70 -13.62 7.21
C CYS A 268 -11.15 -12.60 8.25
N ASP A 269 -11.19 -11.32 7.83
CA ASP A 269 -11.68 -10.21 8.63
C ASP A 269 -12.48 -9.30 7.70
N ILE A 270 -13.82 -9.27 7.89
CA ILE A 270 -14.72 -8.46 7.06
C ILE A 270 -15.11 -7.18 7.81
N LEU A 271 -14.82 -6.01 7.20
CA LEU A 271 -15.19 -4.71 7.73
C LEU A 271 -16.44 -4.23 6.99
N GLU A 272 -17.55 -4.09 7.72
CA GLU A 272 -18.81 -3.64 7.14
C GLU A 272 -18.70 -2.20 6.67
N SER A 273 -19.49 -1.84 5.64
CA SER A 273 -19.52 -0.50 5.07
C SER A 273 -20.04 0.53 6.08
N GLN A 292 -17.39 -1.41 2.15
CA GLN A 292 -17.25 -2.77 2.69
C GLN A 292 -15.98 -3.43 2.13
N LYS A 293 -15.17 -4.05 3.01
CA LYS A 293 -13.91 -4.67 2.60
C LYS A 293 -13.53 -5.86 3.48
N CYS A 294 -12.59 -6.69 3.00
CA CYS A 294 -12.10 -7.82 3.79
C CYS A 294 -10.61 -8.04 3.58
N PHE A 295 -9.92 -8.45 4.65
CA PHE A 295 -8.49 -8.74 4.70
C PHE A 295 -8.37 -10.21 4.90
N LEU A 296 -7.81 -10.90 3.89
CA LEU A 296 -7.75 -12.35 3.86
C LEU A 296 -6.38 -12.92 3.68
N ILE A 297 -6.26 -14.20 4.02
CA ILE A 297 -5.12 -15.06 3.73
C ILE A 297 -5.73 -16.25 2.99
N LEU A 298 -5.35 -16.46 1.75
CA LEU A 298 -5.87 -17.57 0.96
C LEU A 298 -4.82 -18.64 0.74
N LYS A 299 -5.28 -19.90 0.65
CA LYS A 299 -4.46 -21.05 0.32
C LYS A 299 -4.39 -21.11 -1.21
N LEU A 300 -3.22 -20.81 -1.79
CA LEU A 300 -3.04 -20.82 -3.23
C LEU A 300 -2.28 -22.10 -3.64
N ASP A 301 -3.01 -23.07 -4.22
CA ASP A 301 -2.43 -24.34 -4.67
C ASP A 301 -1.45 -24.09 -5.79
N HIS A 302 -0.27 -24.77 -5.75
CA HIS A 302 0.80 -24.57 -6.72
C HIS A 302 0.34 -24.82 -8.17
N GLY A 303 -0.56 -25.80 -8.37
CA GLY A 303 -1.11 -26.17 -9.67
C GLY A 303 -1.87 -25.08 -10.40
N ARG A 304 -2.36 -24.06 -9.64
CA ARG A 304 -3.11 -22.91 -10.15
C ARG A 304 -2.17 -21.82 -10.70
N VAL A 305 -0.88 -21.87 -10.30
CA VAL A 305 0.14 -20.89 -10.69
C VAL A 305 0.87 -21.36 -11.95
N HIS A 306 0.80 -20.56 -13.01
CA HIS A 306 1.48 -20.88 -14.27
C HIS A 306 2.70 -19.97 -14.42
N SER A 307 3.82 -20.42 -13.83
CA SER A 307 5.09 -19.70 -13.82
C SER A 307 6.18 -20.51 -14.54
N GLY A 315 7.58 -27.90 -2.27
CA GLY A 315 7.40 -27.99 -0.82
C GLY A 315 6.07 -28.58 -0.39
N LYS A 316 5.29 -27.83 0.40
CA LYS A 316 3.96 -28.22 0.91
C LYS A 316 2.90 -28.31 -0.23
N GLY A 317 3.18 -27.72 -1.40
CA GLY A 317 2.28 -27.75 -2.54
C GLY A 317 1.33 -26.57 -2.63
N TRP A 318 1.45 -25.59 -1.72
CA TRP A 318 0.59 -24.40 -1.68
C TRP A 318 1.34 -23.22 -1.01
N LYS A 319 0.82 -22.00 -1.19
CA LYS A 319 1.41 -20.79 -0.62
C LYS A 319 0.31 -19.93 -0.04
N ALA A 320 0.54 -19.42 1.18
CA ALA A 320 -0.36 -18.47 1.85
C ALA A 320 -0.18 -17.09 1.19
N ILE A 321 -1.30 -16.48 0.77
CA ILE A 321 -1.29 -15.20 0.06
C ILE A 321 -2.22 -14.22 0.73
N ARG A 322 -1.71 -13.03 1.04
CA ARG A 322 -2.55 -11.99 1.59
C ARG A 322 -3.40 -11.39 0.44
N VAL A 323 -4.73 -11.35 0.60
CA VAL A 323 -5.66 -10.83 -0.41
C VAL A 323 -6.62 -9.83 0.24
N ASP A 324 -6.85 -8.67 -0.41
CA ASP A 324 -7.81 -7.70 0.08
C ASP A 324 -8.88 -7.47 -0.95
N LEU A 325 -10.15 -7.52 -0.53
CA LEU A 325 -11.28 -7.30 -1.43
C LEU A 325 -12.08 -6.11 -0.97
N VAL A 326 -12.51 -5.27 -1.93
CA VAL A 326 -13.30 -4.07 -1.69
C VAL A 326 -14.56 -4.14 -2.58
N MET A 327 -15.74 -3.90 -2.00
CA MET A 327 -17.01 -3.86 -2.73
C MET A 327 -17.52 -2.44 -2.70
N CYS A 328 -17.83 -1.88 -3.87
CA CYS A 328 -18.35 -0.52 -3.88
C CYS A 328 -19.61 -0.39 -4.74
N PRO A 329 -20.48 0.62 -4.46
CA PRO A 329 -21.65 0.83 -5.32
C PRO A 329 -21.20 1.18 -6.73
N TYR A 330 -21.90 0.71 -7.75
CA TYR A 330 -21.54 0.92 -9.15
C TYR A 330 -21.24 2.38 -9.52
N ASP A 331 -22.04 3.34 -9.05
CA ASP A 331 -21.90 4.76 -9.39
C ASP A 331 -20.65 5.40 -8.75
N ARG A 332 -20.02 4.76 -7.76
CA ARG A 332 -18.82 5.29 -7.09
C ARG A 332 -17.53 4.52 -7.50
N ARG A 333 -17.62 3.62 -8.51
CA ARG A 333 -16.54 2.75 -8.95
C ARG A 333 -15.26 3.51 -9.36
N ALA A 334 -15.38 4.71 -9.96
CA ALA A 334 -14.19 5.50 -10.35
C ALA A 334 -13.42 6.02 -9.16
N PHE A 335 -14.14 6.45 -8.10
CA PHE A 335 -13.52 6.97 -6.89
C PHE A 335 -12.83 5.87 -6.13
N ALA A 336 -13.46 4.72 -6.06
CA ALA A 336 -12.89 3.57 -5.36
C ALA A 336 -11.65 3.05 -6.10
N LEU A 337 -11.70 2.93 -7.45
CA LEU A 337 -10.57 2.48 -8.27
C LEU A 337 -9.37 3.40 -8.09
N LEU A 338 -9.60 4.70 -8.15
CA LEU A 338 -8.57 5.70 -7.93
C LEU A 338 -7.95 5.58 -6.54
N GLY A 339 -8.77 5.39 -5.51
CA GLY A 339 -8.31 5.26 -4.14
C GLY A 339 -7.56 3.97 -3.88
N TRP A 340 -7.95 2.90 -4.52
CA TRP A 340 -7.33 1.60 -4.25
C TRP A 340 -6.18 1.29 -5.18
N THR A 341 -5.98 2.09 -6.24
CA THR A 341 -4.82 1.88 -7.13
C THR A 341 -3.54 2.36 -6.44
N GLY A 342 -3.64 3.44 -5.68
CA GLY A 342 -2.49 4.01 -5.00
C GLY A 342 -1.57 4.76 -5.95
N SER A 343 -0.26 4.94 -5.60
CA SER A 343 0.39 4.50 -4.36
C SER A 343 -0.15 5.27 -3.17
N ARG A 344 0.26 4.90 -1.93
CA ARG A 344 -0.17 5.64 -0.73
C ARG A 344 0.17 7.13 -0.84
N GLN A 345 1.40 7.46 -1.27
CA GLN A 345 1.87 8.84 -1.40
C GLN A 345 1.06 9.60 -2.46
N PHE A 346 0.74 8.93 -3.60
CA PHE A 346 -0.04 9.52 -4.68
C PHE A 346 -1.41 9.91 -4.15
N GLU A 347 -2.07 9.00 -3.34
CA GLU A 347 -3.39 9.21 -2.73
C GLU A 347 -3.38 10.37 -1.75
N ARG A 348 -2.41 10.40 -0.81
CA ARG A 348 -2.21 11.51 0.17
C ARG A 348 -2.14 12.83 -0.57
N ASP A 349 -1.27 12.94 -1.62
CA ASP A 349 -1.09 14.20 -2.36
C ASP A 349 -2.32 14.58 -3.20
N LEU A 350 -3.07 13.62 -3.74
CA LEU A 350 -4.31 13.88 -4.47
C LEU A 350 -5.32 14.58 -3.53
N ARG A 351 -5.48 14.03 -2.31
CA ARG A 351 -6.38 14.55 -1.28
C ARG A 351 -5.87 15.91 -0.76
N ARG A 352 -4.55 16.08 -0.57
CA ARG A 352 -3.93 17.31 -0.13
C ARG A 352 -4.10 18.40 -1.18
N TYR A 353 -3.84 18.09 -2.48
CA TYR A 353 -4.05 19.00 -3.59
C TYR A 353 -5.54 19.41 -3.64
N ALA A 354 -6.48 18.44 -3.59
CA ALA A 354 -7.92 18.73 -3.63
C ALA A 354 -8.30 19.75 -2.55
N THR A 355 -7.85 19.54 -1.29
CA THR A 355 -8.13 20.41 -0.15
C THR A 355 -7.49 21.81 -0.28
N HIS A 356 -6.16 21.86 -0.39
CA HIS A 356 -5.41 23.10 -0.37
C HIS A 356 -5.39 23.87 -1.66
N GLU A 357 -5.49 23.20 -2.82
CA GLU A 357 -5.43 23.92 -4.09
C GLU A 357 -6.79 24.17 -4.76
N ARG A 358 -7.79 23.33 -4.50
CA ARG A 358 -9.08 23.42 -5.17
C ARG A 358 -10.26 23.61 -4.22
N LYS A 359 -10.04 23.60 -2.88
CA LYS A 359 -11.08 23.69 -1.84
C LYS A 359 -12.14 22.57 -2.09
N MET A 360 -11.64 21.37 -2.43
CA MET A 360 -12.45 20.18 -2.68
C MET A 360 -12.10 19.11 -1.65
N MET A 361 -13.00 18.16 -1.45
CA MET A 361 -12.84 17.06 -0.52
C MET A 361 -12.93 15.77 -1.27
N LEU A 362 -11.84 15.02 -1.30
CA LEU A 362 -11.77 13.76 -2.04
C LEU A 362 -11.55 12.57 -1.10
N ASP A 363 -12.25 11.48 -1.39
CA ASP A 363 -12.13 10.23 -0.66
C ASP A 363 -12.46 9.09 -1.66
N ASN A 364 -12.44 7.84 -1.18
CA ASN A 364 -12.68 6.66 -2.01
C ASN A 364 -14.11 6.54 -2.52
N HIS A 365 -15.03 7.38 -2.01
CA HIS A 365 -16.44 7.30 -2.38
C HIS A 365 -16.91 8.49 -3.20
N ALA A 366 -16.29 9.68 -3.04
CA ALA A 366 -16.80 10.87 -3.70
C ALA A 366 -15.78 12.04 -3.75
N LEU A 367 -16.16 13.08 -4.48
CA LEU A 367 -15.47 14.35 -4.66
C LEU A 367 -16.47 15.47 -4.45
N TYR A 368 -16.24 16.28 -3.43
CA TYR A 368 -17.14 17.35 -3.08
C TYR A 368 -16.49 18.70 -3.23
N ASP A 369 -17.19 19.64 -3.90
CA ASP A 369 -16.74 21.02 -4.11
C ASP A 369 -17.36 21.90 -3.02
N ARG A 370 -16.53 22.39 -2.08
CA ARG A 370 -16.98 23.20 -0.95
C ARG A 370 -17.51 24.60 -1.34
N THR A 371 -17.04 25.16 -2.46
CA THR A 371 -17.44 26.50 -2.93
C THR A 371 -18.78 26.39 -3.64
N LYS A 372 -18.88 25.44 -4.60
CA LYS A 372 -20.10 25.22 -5.39
C LYS A 372 -21.16 24.48 -4.55
N ARG A 373 -20.75 23.84 -3.44
CA ARG A 373 -21.61 23.07 -2.53
C ARG A 373 -22.29 21.92 -3.27
N VAL A 374 -21.50 21.24 -4.13
CA VAL A 374 -22.01 20.14 -4.93
C VAL A 374 -21.00 18.99 -5.01
N PHE A 375 -21.52 17.76 -5.11
CA PHE A 375 -20.74 16.56 -5.34
C PHE A 375 -20.48 16.48 -6.82
N LEU A 376 -19.25 16.16 -7.19
CA LEU A 376 -18.89 16.03 -8.59
C LEU A 376 -18.92 14.54 -8.98
N GLU A 377 -19.65 14.21 -10.06
CA GLU A 377 -19.79 12.80 -10.47
C GLU A 377 -18.69 12.41 -11.45
N ALA A 378 -18.34 11.11 -11.49
CA ALA A 378 -17.30 10.61 -12.39
C ALA A 378 -17.54 9.16 -12.75
N GLU A 379 -17.43 8.83 -14.05
CA GLU A 379 -17.65 7.45 -14.51
C GLU A 379 -16.31 6.77 -14.78
N SER A 380 -15.21 7.55 -14.72
CA SER A 380 -13.82 7.12 -14.95
C SER A 380 -12.81 7.93 -14.10
N GLU A 381 -11.57 7.42 -13.95
CA GLU A 381 -10.50 8.11 -13.22
C GLU A 381 -10.16 9.41 -13.93
N GLU A 382 -10.19 9.39 -15.29
CA GLU A 382 -9.89 10.53 -16.16
C GLU A 382 -10.79 11.73 -15.80
N GLU A 383 -12.09 11.47 -15.54
CA GLU A 383 -13.07 12.51 -15.17
C GLU A 383 -12.74 13.11 -13.77
N ILE A 384 -12.18 12.30 -12.84
CA ILE A 384 -11.79 12.79 -11.50
C ILE A 384 -10.62 13.76 -11.66
N PHE A 385 -9.59 13.37 -12.45
CA PHE A 385 -8.44 14.21 -12.74
C PHE A 385 -8.91 15.52 -13.38
N ALA A 386 -9.82 15.46 -14.38
CA ALA A 386 -10.38 16.65 -15.05
C ALA A 386 -11.11 17.59 -14.08
N HIS A 387 -11.90 17.04 -13.11
CA HIS A 387 -12.58 17.85 -12.11
C HIS A 387 -11.62 18.63 -11.24
N LEU A 388 -10.46 18.00 -10.91
CA LEU A 388 -9.44 18.57 -10.05
C LEU A 388 -8.52 19.54 -10.79
N GLY A 389 -8.60 19.58 -12.10
CA GLY A 389 -7.77 20.42 -12.95
C GLY A 389 -6.37 19.88 -13.07
N LEU A 390 -6.23 18.53 -13.07
CA LEU A 390 -4.95 17.81 -13.18
C LEU A 390 -4.83 17.05 -14.49
N ASP A 391 -3.62 17.03 -15.09
CA ASP A 391 -3.38 16.20 -16.29
C ASP A 391 -3.48 14.76 -15.87
N TYR A 392 -4.01 13.89 -16.72
CA TYR A 392 -4.20 12.49 -16.36
C TYR A 392 -2.85 11.77 -16.16
N ILE A 393 -2.72 11.09 -15.01
CA ILE A 393 -1.54 10.31 -14.66
C ILE A 393 -1.97 8.87 -14.78
N GLU A 394 -1.32 8.10 -15.65
CA GLU A 394 -1.63 6.68 -15.86
C GLU A 394 -1.32 5.87 -14.59
N PRO A 395 -1.97 4.69 -14.37
CA PRO A 395 -1.67 3.92 -13.15
C PRO A 395 -0.18 3.57 -12.95
N TRP A 396 0.54 3.21 -14.01
CA TRP A 396 1.98 2.86 -13.96
C TRP A 396 2.87 4.10 -13.69
N GLU A 397 2.28 5.32 -13.71
CA GLU A 397 2.95 6.59 -13.42
C GLU A 397 2.60 7.11 -12.01
N ARG A 398 1.90 6.28 -11.20
CA ARG A 398 1.48 6.66 -9.85
C ARG A 398 2.31 5.97 -8.78
N ASN A 399 3.54 5.60 -9.09
CA ASN A 399 4.41 4.91 -8.14
C ASN A 399 5.23 5.89 -7.28
N ALA A 400 4.53 6.90 -6.73
CA ALA A 400 5.14 7.91 -5.85
C ALA A 400 5.46 7.26 -4.48
MG MG E . -3.24 -3.80 1.18
MG MG F . -1.00 -4.50 -2.49
NA NA G . 2.40 -6.15 10.21
N1 DCT H . -3.82 2.76 0.35
C2 DCT H . -3.88 4.04 0.73
N3 DCT H . -3.29 4.43 1.87
C4 DCT H . -2.65 3.52 2.65
C5 DCT H . -2.55 2.18 2.28
C6 DCT H . -3.17 1.82 1.11
O2 DCT H . -4.51 4.86 0.02
N4 DCT H . -2.04 3.83 3.84
C1' DCT H . -4.43 2.34 -0.88
C2' DCT H . -3.58 2.66 -2.12
C3' DCT H . -2.71 1.39 -2.27
C4' DCT H . -3.89 0.38 -2.06
O4' DCT H . -4.64 0.93 -0.88
C5' DCT H . -3.15 -0.86 -1.70
O5' DCT H . -2.76 -0.87 -0.37
PA DCT H . -1.45 -1.74 -0.26
O1A DCT H . -0.79 -1.77 1.08
O2A DCT H . -1.77 -3.21 -0.92
O3A DCT H . -0.40 -0.94 -1.16
PB DCT H . 0.42 -1.53 -2.37
O1B DCT H . 0.38 -0.07 -3.17
O2B DCT H . -0.45 -2.32 -3.31
O3B DCT H . 1.85 -2.16 -2.10
PG DCT H . 2.09 -3.74 -2.10
O1G DCT H . 3.28 -4.06 -1.33
O2G DCT H . 0.76 -4.42 -1.46
O3G DCT H . 2.00 -4.21 -3.69
#